data_8XJP
#
_entry.id   8XJP
#
_cell.length_a   77.716
_cell.length_b   77.716
_cell.length_c   139.152
_cell.angle_alpha   90.00
_cell.angle_beta   90.00
_cell.angle_gamma   90.00
#
_symmetry.space_group_name_H-M   'P 43 21 2'
#
loop_
_entity.id
_entity.type
_entity.pdbx_description
1 polymer Sulfotransferase
2 non-polymer "ADENOSINE-3'-5'-DIPHOSPHATE"
3 non-polymer 2-BROMOPHENOL
4 water water
#
_entity_poly.entity_id   1
_entity_poly.type   'polypeptide(L)'
_entity_poly.pdbx_seq_one_letter_code
;MATVDRYLRQPWSVVHGIPMVCAFAPNWERVDNFQSRPEDIVVATFPKSGTTWVSEIVDMILQGGDPEKCKRDAIVNRVP
MLEFAAPGEMPTGSEVLATMPSPRVVKSHLPAHILPKSFWDNGCKIIYVGRNAKDVAVSFYHFDLMNKFEQHPGTWDQYL
EAFMAGKVAYGSWFDHVRGYWERRQEHPILYLFYEDMKEDLRREITKVAQFLGQELTEVALDAIAHHTSFEAMRDNPSTN
YSTVPSHLMDHGVSPFMRKGITGDWKNHFTVAQNAHFDQYYAQKMAGTDLRFRTEI
;
_entity_poly.pdbx_strand_id   A
#
loop_
_chem_comp.id
_chem_comp.type
_chem_comp.name
_chem_comp.formula
2BR non-polymer 2-BROMOPHENOL 'C6 H5 Br O'
A3P RNA linking ADENOSINE-3'-5'-DIPHOSPHATE 'C10 H15 N5 O10 P2'
#
# COMPACT_ATOMS: atom_id res chain seq x y z
N THR A 3 -19.52 17.03 5.29
CA THR A 3 -20.02 16.02 6.21
C THR A 3 -18.89 15.05 6.62
N VAL A 4 -17.97 14.76 5.70
CA VAL A 4 -16.81 13.95 6.08
C VAL A 4 -15.85 14.74 6.96
N ASP A 5 -15.94 16.08 6.96
CA ASP A 5 -14.89 16.89 7.59
C ASP A 5 -14.67 16.52 9.05
N ARG A 6 -15.72 16.17 9.77
CA ARG A 6 -15.56 15.82 11.17
C ARG A 6 -14.65 14.61 11.38
N TYR A 7 -14.43 13.79 10.34
CA TYR A 7 -13.56 12.63 10.50
C TYR A 7 -12.10 12.91 10.17
N LEU A 8 -11.83 13.95 9.39
CA LEU A 8 -10.48 14.23 8.89
C LEU A 8 -9.62 14.84 9.97
N ARG A 9 -8.31 14.61 9.88
CA ARG A 9 -7.35 15.21 10.83
C ARG A 9 -7.74 14.90 12.27
N GLN A 10 -8.22 13.70 12.51
CA GLN A 10 -8.52 13.25 13.86
C GLN A 10 -7.52 12.20 14.29
N PRO A 11 -7.28 12.03 15.59
CA PRO A 11 -6.40 10.95 16.05
C PRO A 11 -6.94 9.60 15.60
N TRP A 12 -6.05 8.62 15.52
CA TRP A 12 -6.43 7.30 15.04
C TRP A 12 -7.53 6.69 15.91
N SER A 13 -8.47 6.00 15.27
CA SER A 13 -9.36 5.08 15.96
C SER A 13 -8.63 3.75 16.10
N VAL A 14 -9.36 2.72 16.54
CA VAL A 14 -8.76 1.38 16.68
C VAL A 14 -9.79 0.35 16.26
N VAL A 15 -9.33 -0.69 15.56
CA VAL A 15 -10.17 -1.80 15.15
C VAL A 15 -9.36 -3.08 15.39
N HIS A 16 -9.94 -4.03 16.10
CA HIS A 16 -9.26 -5.29 16.43
C HIS A 16 -7.85 -5.03 16.96
N GLY A 17 -7.70 -3.95 17.72
CA GLY A 17 -6.44 -3.63 18.36
C GLY A 17 -5.41 -2.95 17.48
N ILE A 18 -5.76 -2.60 16.25
CA ILE A 18 -4.86 -1.98 15.29
C ILE A 18 -5.26 -0.52 15.11
N PRO A 19 -4.35 0.43 15.16
CA PRO A 19 -4.72 1.82 14.89
C PRO A 19 -5.28 1.95 13.48
N MET A 20 -6.32 2.77 13.33
CA MET A 20 -7.05 2.88 12.09
C MET A 20 -7.30 4.35 11.76
N VAL A 21 -7.25 4.67 10.46
CA VAL A 21 -7.72 5.96 9.95
C VAL A 21 -9.11 6.26 10.50
N CYS A 22 -9.30 7.47 11.04
CA CYS A 22 -10.56 7.79 11.72
C CYS A 22 -11.78 7.54 10.84
N ALA A 23 -11.75 8.05 9.60
CA ALA A 23 -12.91 7.92 8.74
C ALA A 23 -13.20 6.47 8.34
N PHE A 24 -12.23 5.57 8.48
CA PHE A 24 -12.41 4.18 8.04
C PHE A 24 -13.04 3.31 9.11
N ALA A 25 -12.88 3.67 10.37
CA ALA A 25 -13.21 2.79 11.48
C ALA A 25 -14.70 2.56 11.71
N PRO A 26 -15.59 3.57 11.56
CA PRO A 26 -17.01 3.32 11.80
C PRO A 26 -17.56 2.26 10.85
N ASN A 27 -18.53 1.49 11.34
CA ASN A 27 -19.16 0.45 10.52
C ASN A 27 -18.13 -0.51 9.96
N TRP A 28 -17.24 -0.99 10.83
CA TRP A 28 -16.16 -1.87 10.43
C TRP A 28 -16.65 -3.27 10.09
N GLU A 29 -17.89 -3.62 10.45
CA GLU A 29 -18.44 -4.91 10.03
C GLU A 29 -18.47 -5.04 8.51
N ARG A 30 -18.51 -3.92 7.77
CA ARG A 30 -18.47 -3.99 6.32
C ARG A 30 -17.14 -4.58 5.86
N VAL A 31 -16.10 -4.44 6.65
CA VAL A 31 -14.82 -5.03 6.30
C VAL A 31 -14.75 -6.47 6.79
N ASP A 32 -15.09 -6.68 8.06
CA ASP A 32 -15.14 -8.03 8.63
C ASP A 32 -15.94 -8.96 7.74
N ASN A 33 -17.09 -8.51 7.25
CA ASN A 33 -17.97 -9.38 6.47
C ASN A 33 -17.87 -9.12 4.98
N PHE A 34 -16.72 -8.64 4.50
CA PHE A 34 -16.60 -8.38 3.07
C PHE A 34 -16.70 -9.68 2.29
N GLN A 35 -17.51 -9.67 1.23
CA GLN A 35 -17.74 -10.85 0.41
C GLN A 35 -16.70 -10.85 -0.70
N SER A 36 -15.70 -11.73 -0.60
CA SER A 36 -14.73 -11.80 -1.69
C SER A 36 -15.17 -12.81 -2.75
N ARG A 37 -14.46 -12.82 -3.87
CA ARG A 37 -14.65 -13.80 -4.93
C ARG A 37 -13.35 -14.57 -5.14
N PRO A 38 -13.41 -15.87 -5.47
CA PRO A 38 -12.16 -16.63 -5.65
C PRO A 38 -11.18 -15.98 -6.60
N GLU A 39 -11.67 -15.20 -7.56
CA GLU A 39 -10.87 -14.57 -8.58
C GLU A 39 -10.21 -13.28 -8.10
N ASP A 40 -10.55 -12.80 -6.90
CA ASP A 40 -10.02 -11.54 -6.42
C ASP A 40 -8.51 -11.61 -6.26
N ILE A 41 -7.85 -10.54 -6.70
CA ILE A 41 -6.41 -10.35 -6.50
C ILE A 41 -6.25 -9.27 -5.45
N VAL A 42 -5.56 -9.59 -4.36
CA VAL A 42 -5.38 -8.65 -3.26
C VAL A 42 -3.96 -8.10 -3.34
N VAL A 43 -3.84 -6.78 -3.42
CA VAL A 43 -2.57 -6.08 -3.28
C VAL A 43 -2.51 -5.53 -1.86
N ALA A 44 -1.79 -6.23 -0.99
CA ALA A 44 -1.70 -5.95 0.43
C ALA A 44 -0.32 -5.41 0.77
N THR A 45 -0.28 -4.34 1.57
CA THR A 45 0.98 -3.69 1.94
C THR A 45 0.81 -2.99 3.28
N PHE A 46 1.91 -2.87 4.03
CA PHE A 46 1.98 -1.77 4.98
C PHE A 46 2.02 -0.47 4.19
N PRO A 47 1.32 0.59 4.66
CA PRO A 47 1.27 1.82 3.86
C PRO A 47 2.65 2.27 3.39
N LYS A 48 2.69 2.81 2.16
CA LYS A 48 3.83 3.50 1.56
C LYS A 48 4.92 2.54 1.13
N SER A 49 4.54 1.29 0.87
CA SER A 49 5.50 0.25 0.54
C SER A 49 5.47 -0.15 -0.93
N GLY A 50 4.65 0.52 -1.75
CA GLY A 50 4.61 0.26 -3.17
C GLY A 50 3.25 -0.24 -3.64
N THR A 51 2.20 0.12 -2.91
CA THR A 51 0.86 -0.35 -3.23
C THR A 51 0.42 0.13 -4.60
N THR A 52 0.61 1.42 -4.86
CA THR A 52 0.15 1.98 -6.13
C THR A 52 0.95 1.40 -7.29
N TRP A 53 2.24 1.23 -7.06
CA TRP A 53 3.14 0.77 -8.10
C TRP A 53 2.77 -0.65 -8.52
N VAL A 54 2.54 -1.53 -7.55
CA VAL A 54 2.18 -2.90 -7.91
C VAL A 54 0.75 -2.97 -8.43
N SER A 55 -0.15 -2.15 -7.88
CA SER A 55 -1.52 -2.12 -8.41
C SER A 55 -1.53 -1.74 -9.89
N GLU A 56 -0.70 -0.77 -10.29
CA GLU A 56 -0.69 -0.39 -11.71
C GLU A 56 -0.11 -1.50 -12.57
N ILE A 57 0.91 -2.20 -12.07
CA ILE A 57 1.48 -3.33 -12.80
C ILE A 57 0.44 -4.41 -12.99
N VAL A 58 -0.26 -4.77 -11.91
CA VAL A 58 -1.31 -5.80 -11.98
C VAL A 58 -2.36 -5.41 -13.00
N ASP A 59 -2.88 -4.18 -12.90
CA ASP A 59 -3.92 -3.77 -13.82
C ASP A 59 -3.40 -3.77 -15.25
N MET A 60 -2.14 -3.40 -15.44
CA MET A 60 -1.54 -3.42 -16.77
C MET A 60 -1.42 -4.85 -17.32
N ILE A 61 -1.07 -5.81 -16.45
CA ILE A 61 -0.98 -7.21 -16.88
C ILE A 61 -2.35 -7.72 -17.31
N LEU A 62 -3.38 -7.39 -16.53
CA LEU A 62 -4.72 -7.82 -16.88
C LEU A 62 -5.20 -7.20 -18.19
N GLN A 63 -4.59 -6.10 -18.63
CA GLN A 63 -4.90 -5.46 -19.90
C GLN A 63 -3.92 -5.84 -21.00
N GLY A 64 -3.13 -6.88 -20.81
CA GLY A 64 -2.21 -7.33 -21.84
C GLY A 64 -1.12 -6.34 -22.19
N GLY A 65 -0.90 -5.33 -21.34
CA GLY A 65 0.10 -4.33 -21.60
C GLY A 65 -0.38 -3.10 -22.35
N ASP A 66 -1.68 -2.90 -22.47
CA ASP A 66 -2.20 -1.74 -23.20
C ASP A 66 -2.34 -0.56 -22.24
N PRO A 67 -1.60 0.52 -22.44
CA PRO A 67 -1.69 1.65 -21.49
C PRO A 67 -3.06 2.29 -21.43
N GLU A 68 -3.81 2.32 -22.53
CA GLU A 68 -4.95 3.22 -22.60
C GLU A 68 -6.16 2.71 -21.82
N LYS A 69 -6.30 1.40 -21.63
CA LYS A 69 -7.37 0.91 -20.77
C LYS A 69 -7.13 1.27 -19.31
N CYS A 70 -5.90 1.62 -18.94
CA CYS A 70 -5.57 2.06 -17.59
C CYS A 70 -5.62 3.58 -17.44
N LYS A 71 -5.77 4.31 -18.54
CA LYS A 71 -5.88 5.77 -18.51
C LYS A 71 -7.31 6.26 -18.39
N ARG A 72 -8.28 5.40 -18.70
CA ARG A 72 -9.69 5.78 -18.71
C ARG A 72 -10.19 6.25 -17.35
N ASP A 73 -9.57 5.79 -16.26
CA ASP A 73 -10.00 6.14 -14.91
C ASP A 73 -8.81 6.10 -13.97
N ALA A 74 -8.91 6.85 -12.88
CA ALA A 74 -7.83 6.94 -11.90
C ALA A 74 -7.68 5.63 -11.14
N ILE A 75 -6.44 5.34 -10.75
CA ILE A 75 -6.14 4.06 -10.11
C ILE A 75 -6.93 3.86 -8.82
N VAL A 76 -7.38 4.94 -8.18
CA VAL A 76 -8.18 4.76 -6.98
C VAL A 76 -9.56 4.20 -7.32
N ASN A 77 -10.02 4.41 -8.55
CA ASN A 77 -11.27 3.79 -8.98
C ASN A 77 -11.02 2.44 -9.67
N ARG A 78 -9.88 2.28 -10.32
CA ARG A 78 -9.58 0.99 -10.94
C ARG A 78 -9.17 -0.06 -9.91
N VAL A 79 -8.54 0.36 -8.81
CA VAL A 79 -8.12 -0.53 -7.74
C VAL A 79 -8.60 0.03 -6.40
N PRO A 80 -9.87 -0.18 -6.04
CA PRO A 80 -10.38 0.39 -4.78
C PRO A 80 -9.65 -0.17 -3.57
N MET A 81 -9.57 0.63 -2.51
CA MET A 81 -9.05 0.11 -1.25
C MET A 81 -10.21 -0.45 -0.44
N LEU A 82 -10.07 -1.73 -0.07
CA LEU A 82 -11.06 -2.46 0.72
C LEU A 82 -11.67 -1.63 1.84
N GLU A 83 -10.83 -1.09 2.71
CA GLU A 83 -11.30 -0.47 3.94
C GLU A 83 -11.57 1.03 3.81
N PHE A 84 -11.40 1.60 2.63
CA PHE A 84 -11.62 3.03 2.47
C PHE A 84 -13.05 3.42 2.82
N ALA A 85 -13.20 4.55 3.50
CA ALA A 85 -14.51 5.15 3.71
C ALA A 85 -14.31 6.64 3.87
N ALA A 86 -15.32 7.40 3.44
CA ALA A 86 -15.36 8.85 3.64
C ALA A 86 -16.81 9.18 3.91
N PRO A 87 -17.27 8.93 5.13
CA PRO A 87 -18.72 8.93 5.40
C PRO A 87 -19.36 10.27 5.07
N GLY A 88 -20.35 10.22 4.17
CA GLY A 88 -21.08 11.41 3.79
C GLY A 88 -20.56 12.14 2.58
N GLU A 89 -19.47 11.66 1.97
CA GLU A 89 -19.00 12.26 0.74
C GLU A 89 -18.81 11.23 -0.37
N MET A 90 -18.39 10.01 -0.03
CA MET A 90 -18.01 9.03 -1.03
C MET A 90 -18.58 7.67 -0.62
N PRO A 91 -18.87 6.80 -1.60
CA PRO A 91 -19.21 5.42 -1.25
C PRO A 91 -17.99 4.74 -0.67
N THR A 92 -18.22 3.78 0.23
CA THR A 92 -17.07 3.08 0.80
C THR A 92 -16.40 2.22 -0.27
N GLY A 93 -15.14 1.89 -0.02
CA GLY A 93 -14.45 0.98 -0.92
C GLY A 93 -15.18 -0.34 -1.07
N SER A 94 -15.69 -0.88 0.05
CA SER A 94 -16.37 -2.18 0.01
C SER A 94 -17.61 -2.10 -0.88
N GLU A 95 -18.39 -1.02 -0.76
CA GLU A 95 -19.54 -0.84 -1.62
C GLU A 95 -19.14 -0.75 -3.08
N VAL A 96 -18.06 -0.01 -3.36
CA VAL A 96 -17.60 0.14 -4.74
C VAL A 96 -17.24 -1.21 -5.33
N LEU A 97 -16.54 -2.03 -4.53
CA LEU A 97 -16.05 -3.32 -5.03
C LEU A 97 -17.17 -4.26 -5.41
N ALA A 98 -18.33 -4.14 -4.76
CA ALA A 98 -19.45 -5.05 -5.03
C ALA A 98 -19.92 -4.95 -6.48
N THR A 99 -19.78 -3.78 -7.10
CA THR A 99 -20.22 -3.58 -8.48
C THR A 99 -19.08 -3.60 -9.49
N MET A 100 -17.92 -4.20 -9.13
CA MET A 100 -16.79 -4.35 -10.04
C MET A 100 -16.83 -5.73 -10.68
N PRO A 101 -16.61 -5.85 -11.99
CA PRO A 101 -16.52 -7.19 -12.59
C PRO A 101 -15.22 -7.90 -12.21
N SER A 102 -15.26 -9.25 -12.26
CA SER A 102 -14.06 -10.02 -11.97
C SER A 102 -13.10 -10.00 -13.16
N PRO A 103 -11.79 -10.12 -12.91
CA PRO A 103 -11.13 -10.23 -11.61
C PRO A 103 -10.96 -8.88 -10.91
N ARG A 104 -11.44 -8.77 -9.69
CA ARG A 104 -11.30 -7.54 -8.93
C ARG A 104 -9.90 -7.46 -8.36
N VAL A 105 -9.25 -6.32 -8.52
CA VAL A 105 -7.98 -6.05 -7.86
C VAL A 105 -8.32 -5.23 -6.63
N VAL A 106 -7.90 -5.71 -5.46
CA VAL A 106 -8.32 -5.14 -4.19
C VAL A 106 -7.09 -4.64 -3.45
N LYS A 107 -7.05 -3.33 -3.20
CA LYS A 107 -5.99 -2.73 -2.39
C LYS A 107 -6.35 -2.83 -0.91
N SER A 108 -5.38 -3.15 -0.06
CA SER A 108 -5.64 -3.08 1.36
C SER A 108 -4.35 -2.92 2.15
N HIS A 109 -4.45 -2.28 3.31
CA HIS A 109 -3.31 -2.21 4.21
C HIS A 109 -3.52 -3.01 5.48
N LEU A 110 -4.56 -3.85 5.55
CA LEU A 110 -4.82 -4.55 6.79
C LEU A 110 -3.71 -5.56 7.10
N PRO A 111 -3.27 -5.65 8.36
CA PRO A 111 -2.46 -6.80 8.77
C PRO A 111 -3.16 -8.10 8.42
N ALA A 112 -2.36 -9.16 8.26
CA ALA A 112 -2.91 -10.43 7.82
C ALA A 112 -3.98 -10.94 8.77
N HIS A 113 -3.78 -10.77 10.08
CA HIS A 113 -4.74 -11.36 11.01
C HIS A 113 -6.06 -10.61 11.09
N ILE A 114 -6.20 -9.44 10.45
CA ILE A 114 -7.51 -8.80 10.35
C ILE A 114 -7.96 -8.58 8.92
N LEU A 115 -7.22 -9.10 7.93
CA LEU A 115 -7.76 -9.15 6.58
C LEU A 115 -9.03 -9.98 6.61
N PRO A 116 -10.11 -9.56 5.93
CA PRO A 116 -11.36 -10.32 6.02
C PRO A 116 -11.17 -11.80 5.70
N LYS A 117 -11.73 -12.66 6.56
CA LYS A 117 -11.51 -14.10 6.43
C LYS A 117 -12.07 -14.69 5.13
N SER A 118 -12.95 -13.98 4.41
CA SER A 118 -13.40 -14.48 3.11
C SER A 118 -12.25 -14.61 2.13
N PHE A 119 -11.28 -13.70 2.17
CA PHE A 119 -10.15 -13.80 1.27
C PHE A 119 -9.39 -15.08 1.52
N TRP A 120 -9.21 -15.46 2.80
CA TRP A 120 -8.46 -16.69 3.10
C TRP A 120 -9.24 -17.92 2.67
N ASP A 121 -10.56 -17.88 2.87
CA ASP A 121 -11.38 -19.05 2.59
C ASP A 121 -11.64 -19.26 1.11
N ASN A 122 -11.56 -18.20 0.30
CA ASN A 122 -11.67 -18.38 -1.13
C ASN A 122 -10.31 -18.56 -1.80
N GLY A 123 -9.23 -18.60 -1.02
CA GLY A 123 -7.91 -18.80 -1.57
C GLY A 123 -7.47 -17.73 -2.55
N CYS A 124 -7.98 -16.51 -2.38
CA CYS A 124 -7.66 -15.40 -3.28
C CYS A 124 -6.15 -15.19 -3.34
N LYS A 125 -5.64 -14.92 -4.54
CA LYS A 125 -4.24 -14.61 -4.67
C LYS A 125 -3.95 -13.26 -4.00
N ILE A 126 -2.90 -13.23 -3.18
CA ILE A 126 -2.46 -12.02 -2.51
C ILE A 126 -1.07 -11.69 -3.03
N ILE A 127 -0.87 -10.46 -3.51
CA ILE A 127 0.46 -9.94 -3.81
C ILE A 127 0.80 -8.96 -2.70
N TYR A 128 1.76 -9.32 -1.87
CA TYR A 128 2.21 -8.45 -0.78
C TYR A 128 3.48 -7.73 -1.20
N VAL A 129 3.63 -6.48 -0.80
CA VAL A 129 4.83 -5.71 -1.12
C VAL A 129 5.40 -5.21 0.18
N GLY A 130 6.67 -5.52 0.44
CA GLY A 130 7.39 -5.00 1.60
C GLY A 130 8.43 -4.00 1.16
N ARG A 131 8.72 -3.02 2.02
CA ARG A 131 9.73 -2.00 1.78
C ARG A 131 10.52 -1.79 3.06
N ASN A 132 11.78 -1.39 2.95
CA ASN A 132 12.61 -1.31 4.15
C ASN A 132 12.01 -0.26 5.07
N ALA A 133 12.10 -0.52 6.39
CA ALA A 133 11.31 0.24 7.35
C ALA A 133 11.70 1.71 7.40
N LYS A 134 12.96 2.02 7.10
CA LYS A 134 13.39 3.41 7.19
C LYS A 134 12.72 4.26 6.12
N ASP A 135 12.71 3.78 4.88
CA ASP A 135 12.08 4.51 3.79
C ASP A 135 10.57 4.57 3.96
N VAL A 136 9.97 3.50 4.52
CA VAL A 136 8.55 3.49 4.80
C VAL A 136 8.20 4.62 5.77
N ALA A 137 8.97 4.70 6.86
CA ALA A 137 8.75 5.74 7.87
C ALA A 137 8.76 7.12 7.23
N VAL A 138 9.78 7.39 6.40
CA VAL A 138 9.88 8.69 5.72
C VAL A 138 8.68 8.94 4.82
N SER A 139 8.32 7.94 4.01
CA SER A 139 7.24 8.13 3.05
C SER A 139 5.92 8.34 3.77
N PHE A 140 5.72 7.63 4.88
CA PHE A 140 4.45 7.70 5.61
C PHE A 140 4.37 9.01 6.38
N TYR A 141 5.50 9.52 6.89
CA TYR A 141 5.50 10.86 7.48
C TYR A 141 5.04 11.90 6.47
N HIS A 142 5.68 11.94 5.29
CA HIS A 142 5.28 12.96 4.33
C HIS A 142 3.86 12.73 3.84
N PHE A 143 3.45 11.46 3.74
CA PHE A 143 2.07 11.18 3.37
C PHE A 143 1.10 11.76 4.38
N ASP A 144 1.37 11.60 5.68
CA ASP A 144 0.45 12.13 6.68
C ASP A 144 0.45 13.66 6.68
N LEU A 145 1.56 14.30 6.31
CA LEU A 145 1.58 15.75 6.21
C LEU A 145 0.59 16.25 5.16
N MET A 146 0.34 15.47 4.09
CA MET A 146 -0.49 15.93 2.98
C MET A 146 -1.89 15.31 2.97
N ASN A 147 -2.08 14.15 3.59
CA ASN A 147 -3.36 13.44 3.51
C ASN A 147 -4.21 13.80 4.71
N LYS A 148 -5.30 14.55 4.47
CA LYS A 148 -6.15 15.03 5.55
C LYS A 148 -6.92 13.91 6.26
N PHE A 149 -7.03 12.72 5.67
CA PHE A 149 -7.57 11.60 6.45
C PHE A 149 -6.70 11.26 7.66
N GLU A 150 -5.42 11.62 7.64
CA GLU A 150 -4.47 11.19 8.66
C GLU A 150 -4.44 12.15 9.86
N GLN A 151 -4.22 11.61 11.04
CA GLN A 151 -3.77 12.42 12.17
C GLN A 151 -2.52 13.21 11.77
N HIS A 152 -2.50 14.51 12.05
CA HIS A 152 -1.30 15.26 11.70
C HIS A 152 -0.10 14.71 12.44
N PRO A 153 1.03 14.48 11.78
CA PRO A 153 2.17 13.80 12.41
C PRO A 153 3.01 14.66 13.32
N GLY A 154 2.77 15.98 13.39
CA GLY A 154 3.67 16.81 14.17
C GLY A 154 5.08 16.79 13.60
N THR A 155 6.08 16.73 14.47
CA THR A 155 7.44 16.78 13.94
C THR A 155 7.88 15.39 13.49
N TRP A 156 8.92 15.36 12.66
CA TRP A 156 9.49 14.09 12.22
C TRP A 156 10.01 13.25 13.39
N ASP A 157 10.66 13.89 14.36
CA ASP A 157 11.23 13.10 15.45
C ASP A 157 10.11 12.44 16.26
N GLN A 158 8.99 13.15 16.45
CA GLN A 158 7.88 12.53 17.16
C GLN A 158 7.20 11.46 16.32
N TYR A 159 7.08 11.70 15.00
CA TYR A 159 6.49 10.70 14.12
C TYR A 159 7.31 9.42 14.12
N LEU A 160 8.63 9.55 14.04
CA LEU A 160 9.48 8.37 14.01
C LEU A 160 9.29 7.54 15.28
N GLU A 161 9.17 8.22 16.42
CA GLU A 161 8.91 7.50 17.66
C GLU A 161 7.61 6.71 17.58
N ALA A 162 6.55 7.35 17.06
CA ALA A 162 5.26 6.67 16.96
C ALA A 162 5.36 5.49 16.02
N PHE A 163 6.06 5.71 14.90
CA PHE A 163 6.24 4.65 13.90
C PHE A 163 6.91 3.43 14.50
N MET A 164 8.07 3.63 15.16
CA MET A 164 8.76 2.51 15.79
C MET A 164 7.92 1.80 16.84
N ALA A 165 7.06 2.52 17.55
CA ALA A 165 6.22 1.87 18.56
C ALA A 165 4.94 1.28 17.97
N GLY A 166 4.77 1.31 16.65
CA GLY A 166 3.57 0.79 16.05
C GLY A 166 2.29 1.53 16.39
N LYS A 167 2.36 2.83 16.67
CA LYS A 167 1.17 3.60 17.00
C LYS A 167 0.50 4.26 15.80
N VAL A 168 1.19 4.34 14.64
CA VAL A 168 0.63 4.95 13.44
C VAL A 168 -0.50 4.08 12.88
N ALA A 169 -1.21 4.63 11.91
CA ALA A 169 -2.31 3.91 11.27
C ALA A 169 -1.79 2.60 10.69
N TYR A 170 -2.51 1.53 10.98
CA TYR A 170 -2.27 0.14 10.58
C TYR A 170 -1.21 -0.53 11.46
N GLY A 171 -0.68 0.17 12.46
CA GLY A 171 0.06 -0.48 13.52
C GLY A 171 1.53 -0.73 13.26
N SER A 172 2.01 -1.84 13.79
CA SER A 172 3.44 -2.12 13.80
C SER A 172 3.89 -2.60 12.43
N TRP A 173 4.84 -1.87 11.82
CA TRP A 173 5.46 -2.33 10.59
C TRP A 173 6.03 -3.73 10.75
N PHE A 174 6.67 -3.96 11.89
CA PHE A 174 7.35 -5.24 12.12
C PHE A 174 6.36 -6.39 12.09
N ASP A 175 5.23 -6.23 12.80
CA ASP A 175 4.22 -7.26 12.78
C ASP A 175 3.60 -7.40 11.40
N HIS A 176 3.41 -6.27 10.70
CA HIS A 176 2.73 -6.30 9.41
C HIS A 176 3.51 -7.15 8.41
N VAL A 177 4.81 -6.86 8.27
CA VAL A 177 5.59 -7.55 7.24
C VAL A 177 5.86 -8.99 7.64
N ARG A 178 6.07 -9.26 8.93
CA ARG A 178 6.32 -10.63 9.35
C ARG A 178 5.06 -11.46 9.22
N GLY A 179 3.90 -10.83 9.43
CA GLY A 179 2.65 -11.56 9.41
C GLY A 179 2.38 -12.17 8.06
N TYR A 180 2.49 -11.38 7.00
CA TYR A 180 2.25 -11.91 5.66
C TYR A 180 3.36 -12.84 5.23
N TRP A 181 4.58 -12.63 5.72
CA TRP A 181 5.66 -13.54 5.39
C TRP A 181 5.36 -14.95 5.92
N GLU A 182 4.83 -15.02 7.15
CA GLU A 182 4.55 -16.33 7.74
C GLU A 182 3.26 -16.94 7.20
N ARG A 183 2.29 -16.10 6.80
CA ARG A 183 1.00 -16.61 6.37
C ARG A 183 1.06 -17.28 5.01
N ARG A 184 2.13 -17.07 4.24
CA ARG A 184 2.29 -17.79 2.98
C ARG A 184 2.31 -19.29 3.19
N GLN A 185 2.55 -19.76 4.42
CA GLN A 185 2.58 -21.20 4.66
C GLN A 185 1.23 -21.86 4.41
N GLU A 186 0.14 -21.11 4.59
CA GLU A 186 -1.21 -21.63 4.43
C GLU A 186 -1.99 -20.93 3.33
N HIS A 187 -1.31 -20.21 2.44
CA HIS A 187 -2.06 -19.43 1.47
C HIS A 187 -1.13 -19.02 0.34
N PRO A 188 -1.61 -18.98 -0.92
CA PRO A 188 -0.76 -18.47 -2.01
C PRO A 188 -0.50 -16.97 -1.90
N ILE A 189 0.74 -16.59 -1.59
CA ILE A 189 1.11 -15.19 -1.49
C ILE A 189 2.38 -14.97 -2.30
N LEU A 190 2.36 -13.98 -3.17
CA LEU A 190 3.57 -13.48 -3.82
C LEU A 190 4.11 -12.32 -3.01
N TYR A 191 5.30 -12.50 -2.44
CA TYR A 191 5.80 -11.55 -1.45
C TYR A 191 7.00 -10.84 -2.08
N LEU A 192 6.73 -9.60 -2.52
CA LEU A 192 7.64 -8.77 -3.29
C LEU A 192 8.28 -7.71 -2.40
N PHE A 193 9.42 -7.22 -2.86
CA PHE A 193 10.16 -6.19 -2.14
C PHE A 193 10.32 -4.99 -3.05
N TYR A 194 10.01 -3.82 -2.51
CA TYR A 194 10.11 -2.57 -3.25
C TYR A 194 11.51 -2.41 -3.83
N GLU A 195 12.51 -2.77 -3.05
CA GLU A 195 13.89 -2.59 -3.47
C GLU A 195 14.24 -3.50 -4.64
N ASP A 196 13.61 -4.66 -4.72
CA ASP A 196 13.85 -5.52 -5.88
C ASP A 196 13.26 -4.92 -7.14
N MET A 197 12.13 -4.22 -7.01
CA MET A 197 11.50 -3.54 -8.12
C MET A 197 12.28 -2.31 -8.59
N LYS A 198 12.90 -1.60 -7.64
CA LYS A 198 13.85 -0.57 -8.04
C LYS A 198 15.04 -1.17 -8.77
N GLU A 199 15.50 -2.33 -8.29
CA GLU A 199 16.73 -2.91 -8.82
C GLU A 199 16.52 -3.40 -10.24
N ASP A 200 15.39 -4.12 -10.49
CA ASP A 200 15.12 -4.75 -11.78
C ASP A 200 13.59 -4.89 -11.92
N LEU A 201 12.97 -3.86 -12.46
CA LEU A 201 11.51 -3.82 -12.54
C LEU A 201 10.96 -4.92 -13.44
N ARG A 202 11.58 -5.14 -14.59
CA ARG A 202 11.08 -6.17 -15.52
C ARG A 202 11.12 -7.55 -14.88
N ARG A 203 12.16 -7.83 -14.09
CA ARG A 203 12.20 -9.07 -13.31
C ARG A 203 10.97 -9.20 -12.42
N GLU A 204 10.59 -8.13 -11.73
CA GLU A 204 9.48 -8.26 -10.80
C GLU A 204 8.13 -8.30 -11.53
N ILE A 205 8.00 -7.61 -12.67
CA ILE A 205 6.79 -7.75 -13.47
C ILE A 205 6.61 -9.18 -13.93
N THR A 206 7.70 -9.81 -14.38
CA THR A 206 7.60 -11.20 -14.84
C THR A 206 7.09 -12.12 -13.73
N LYS A 207 7.53 -11.89 -12.49
CA LYS A 207 7.05 -12.70 -11.37
C LYS A 207 5.56 -12.45 -11.10
N VAL A 208 5.13 -11.18 -11.09
CA VAL A 208 3.71 -10.89 -10.96
C VAL A 208 2.92 -11.57 -12.06
N ALA A 209 3.40 -11.48 -13.30
CA ALA A 209 2.70 -12.09 -14.43
C ALA A 209 2.54 -13.59 -14.24
N GLN A 210 3.62 -14.27 -13.86
CA GLN A 210 3.53 -15.72 -13.68
C GLN A 210 2.58 -16.06 -12.53
N PHE A 211 2.61 -15.29 -11.46
CA PHE A 211 1.73 -15.56 -10.34
C PHE A 211 0.28 -15.47 -10.76
N LEU A 212 -0.05 -14.55 -11.65
CA LEU A 212 -1.41 -14.37 -12.14
C LEU A 212 -1.76 -15.29 -13.31
N GLY A 213 -0.86 -16.16 -13.73
CA GLY A 213 -1.13 -17.05 -14.85
C GLY A 213 -1.18 -16.38 -16.20
N GLN A 214 -0.60 -15.19 -16.33
CA GLN A 214 -0.62 -14.45 -17.58
C GLN A 214 0.71 -14.57 -18.30
N GLU A 215 0.65 -14.81 -19.61
CA GLU A 215 1.83 -14.82 -20.44
C GLU A 215 2.03 -13.42 -21.03
N LEU A 216 3.26 -12.94 -20.98
CA LEU A 216 3.61 -11.63 -21.51
C LEU A 216 4.58 -11.80 -22.67
N THR A 217 4.24 -11.23 -23.82
CA THR A 217 5.25 -11.09 -24.86
C THR A 217 6.35 -10.14 -24.40
N GLU A 218 7.46 -10.19 -25.12
CA GLU A 218 8.54 -9.24 -24.85
C GLU A 218 8.05 -7.81 -24.97
N VAL A 219 7.18 -7.54 -25.96
CA VAL A 219 6.69 -6.19 -26.19
C VAL A 219 5.86 -5.71 -25.00
N ALA A 220 4.90 -6.54 -24.55
CA ALA A 220 4.03 -6.10 -23.45
C ALA A 220 4.84 -5.89 -22.17
N LEU A 221 5.81 -6.76 -21.89
CA LEU A 221 6.67 -6.57 -20.73
C LEU A 221 7.38 -5.21 -20.78
N ASP A 222 7.89 -4.82 -21.95
CA ASP A 222 8.56 -3.54 -22.07
C ASP A 222 7.57 -2.39 -21.93
N ALA A 223 6.37 -2.56 -22.50
CA ALA A 223 5.33 -1.53 -22.35
C ALA A 223 4.95 -1.33 -20.90
N ILE A 224 4.78 -2.43 -20.15
CA ILE A 224 4.42 -2.32 -18.74
C ILE A 224 5.52 -1.60 -17.98
N ALA A 225 6.77 -2.03 -18.18
CA ALA A 225 7.89 -1.41 -17.47
C ALA A 225 8.01 0.07 -17.83
N HIS A 226 7.78 0.41 -19.11
CA HIS A 226 7.86 1.81 -19.51
C HIS A 226 6.80 2.66 -18.80
N HIS A 227 5.61 2.11 -18.58
CA HIS A 227 4.55 2.91 -17.98
C HIS A 227 4.46 2.78 -16.46
N THR A 228 5.34 2.01 -15.83
CA THR A 228 5.38 1.95 -14.37
C THR A 228 6.74 2.40 -13.82
N SER A 229 7.52 3.11 -14.62
CA SER A 229 8.66 3.82 -14.05
C SER A 229 8.15 4.90 -13.11
N PHE A 230 8.99 5.27 -12.14
CA PHE A 230 8.58 6.35 -11.24
C PHE A 230 8.22 7.59 -12.04
N GLU A 231 9.10 7.98 -12.97
CA GLU A 231 8.85 9.21 -13.71
C GLU A 231 7.54 9.14 -14.47
N ALA A 232 7.23 7.96 -15.03
CA ALA A 232 5.97 7.81 -15.76
C ALA A 232 4.77 7.95 -14.83
N MET A 233 4.81 7.28 -13.68
CA MET A 233 3.65 7.31 -12.79
C MET A 233 3.49 8.64 -12.08
N ARG A 234 4.60 9.34 -11.83
CA ARG A 234 4.52 10.71 -11.31
C ARG A 234 3.76 11.63 -12.26
N ASP A 235 4.01 11.48 -13.55
CA ASP A 235 3.47 12.40 -14.54
C ASP A 235 2.13 11.95 -15.08
N ASN A 236 1.74 10.71 -14.81
CA ASN A 236 0.45 10.17 -15.22
C ASN A 236 -0.66 10.66 -14.30
N PRO A 237 -1.64 11.42 -14.80
CA PRO A 237 -2.75 11.84 -13.93
C PRO A 237 -3.57 10.68 -13.39
N SER A 238 -3.56 9.54 -14.07
CA SER A 238 -4.33 8.40 -13.59
C SER A 238 -3.71 7.72 -12.38
N THR A 239 -2.41 7.92 -12.12
CA THR A 239 -1.74 7.23 -11.04
C THR A 239 -1.11 8.15 -10.00
N ASN A 240 -1.03 9.45 -10.23
CA ASN A 240 -0.31 10.33 -9.31
C ASN A 240 -1.23 11.00 -8.29
N TYR A 241 -2.51 10.62 -8.26
CA TYR A 241 -3.52 11.08 -7.30
C TYR A 241 -3.80 12.58 -7.37
N SER A 242 -3.26 13.28 -8.37
CA SER A 242 -3.48 14.70 -8.50
C SER A 242 -4.94 15.07 -8.70
N THR A 243 -5.79 14.09 -9.04
CA THR A 243 -7.22 14.33 -9.16
C THR A 243 -7.97 14.19 -7.86
N VAL A 244 -7.32 13.76 -6.78
CA VAL A 244 -7.98 13.77 -5.47
C VAL A 244 -8.27 15.21 -5.07
N PRO A 245 -9.47 15.52 -4.56
CA PRO A 245 -9.82 16.91 -4.26
C PRO A 245 -8.89 17.53 -3.23
N SER A 246 -8.73 18.85 -3.34
CA SER A 246 -7.77 19.59 -2.52
C SER A 246 -8.08 19.43 -1.03
N HIS A 247 -9.36 19.47 -0.65
CA HIS A 247 -9.77 19.37 0.74
C HIS A 247 -9.53 18.00 1.35
N LEU A 248 -9.07 17.02 0.57
CA LEU A 248 -8.70 15.71 1.11
C LEU A 248 -7.21 15.47 1.10
N MET A 249 -6.52 15.83 0.02
CA MET A 249 -5.07 15.78 -0.05
C MET A 249 -4.53 17.14 -0.48
N ASP A 250 -3.67 17.72 0.36
CA ASP A 250 -2.97 18.95 0.01
C ASP A 250 -1.72 18.56 -0.76
N HIS A 251 -1.86 18.47 -2.08
CA HIS A 251 -0.76 18.05 -2.95
C HIS A 251 0.42 19.00 -2.86
N GLY A 252 0.20 20.24 -2.42
CA GLY A 252 1.28 21.18 -2.30
C GLY A 252 2.23 20.90 -1.15
N VAL A 253 1.72 20.28 -0.09
CA VAL A 253 2.57 19.95 1.05
C VAL A 253 3.59 18.89 0.65
N SER A 254 3.14 17.87 -0.07
CA SER A 254 3.97 16.77 -0.53
C SER A 254 3.17 15.98 -1.56
N PRO A 255 3.70 15.75 -2.76
CA PRO A 255 2.94 14.97 -3.75
C PRO A 255 2.97 13.49 -3.40
N PHE A 256 1.99 12.76 -3.95
CA PHE A 256 1.95 11.31 -3.71
C PHE A 256 3.17 10.63 -4.31
N MET A 257 3.46 10.89 -5.59
CA MET A 257 4.68 10.40 -6.23
C MET A 257 5.80 11.35 -5.80
N ARG A 258 6.30 11.12 -4.59
CA ARG A 258 7.14 12.09 -3.90
C ARG A 258 8.57 12.09 -4.46
N LYS A 259 9.30 10.98 -4.27
CA LYS A 259 10.67 10.81 -4.71
C LYS A 259 10.91 9.47 -5.39
N GLY A 260 10.30 8.41 -4.92
CA GLY A 260 10.37 7.13 -5.61
C GLY A 260 11.73 6.45 -5.63
N ILE A 261 12.55 6.61 -4.59
CA ILE A 261 13.84 5.96 -4.54
C ILE A 261 13.94 5.10 -3.29
N THR A 262 15.00 4.31 -3.23
CA THR A 262 15.43 3.65 -2.01
C THR A 262 16.60 4.40 -1.42
N GLY A 263 16.52 4.69 -0.14
CA GLY A 263 17.57 5.40 0.56
C GLY A 263 17.28 6.85 0.86
N ASP A 264 16.06 7.34 0.63
CA ASP A 264 15.77 8.69 1.07
C ASP A 264 15.75 8.80 2.58
N TRP A 265 15.79 7.68 3.31
CA TRP A 265 15.92 7.76 4.75
C TRP A 265 17.20 8.47 5.15
N LYS A 266 18.24 8.39 4.33
CA LYS A 266 19.50 9.02 4.71
C LYS A 266 19.36 10.54 4.77
N ASN A 267 18.37 11.09 4.06
CA ASN A 267 18.09 12.52 4.05
C ASN A 267 17.16 12.96 5.16
N HIS A 268 16.70 12.04 5.99
CA HIS A 268 15.77 12.29 7.09
C HIS A 268 16.25 11.79 8.44
N PHE A 269 16.76 10.57 8.52
CA PHE A 269 17.23 10.11 9.81
C PHE A 269 18.46 10.90 10.25
N THR A 270 18.38 11.48 11.43
CA THR A 270 19.59 12.04 12.01
C THR A 270 20.54 10.91 12.38
N VAL A 271 21.81 11.27 12.60
CA VAL A 271 22.81 10.31 13.04
C VAL A 271 22.30 9.55 14.27
N ALA A 272 21.75 10.28 15.23
CA ALA A 272 21.24 9.69 16.47
C ALA A 272 20.04 8.80 16.21
N GLN A 273 19.06 9.29 15.45
CA GLN A 273 17.87 8.50 15.08
C GLN A 273 18.24 7.22 14.37
N ASN A 274 19.20 7.33 13.44
CA ASN A 274 19.64 6.16 12.70
C ASN A 274 20.20 5.10 13.65
N ALA A 275 21.09 5.50 14.56
CA ALA A 275 21.71 4.54 15.46
C ALA A 275 20.66 3.90 16.36
N HIS A 276 19.71 4.69 16.85
CA HIS A 276 18.70 4.15 17.74
C HIS A 276 17.76 3.22 17.02
N PHE A 277 17.37 3.60 15.80
CA PHE A 277 16.55 2.71 14.96
C PHE A 277 17.23 1.38 14.70
N ASP A 278 18.50 1.41 14.27
CA ASP A 278 19.19 0.16 13.93
C ASP A 278 19.22 -0.80 15.11
N GLN A 279 19.49 -0.28 16.31
CA GLN A 279 19.53 -1.13 17.49
C GLN A 279 18.17 -1.76 17.74
N TYR A 280 17.10 -0.95 17.64
CA TYR A 280 15.77 -1.45 17.92
C TYR A 280 15.33 -2.43 16.84
N TYR A 281 15.53 -2.06 15.58
CA TYR A 281 15.22 -2.94 14.47
C TYR A 281 15.87 -4.30 14.64
N ALA A 282 17.19 -4.32 14.91
CA ALA A 282 17.88 -5.60 15.01
C ALA A 282 17.23 -6.49 16.06
N GLN A 283 16.81 -5.91 17.18
CA GLN A 283 16.16 -6.69 18.22
C GLN A 283 14.80 -7.21 17.74
N LYS A 284 14.01 -6.34 17.09
CA LYS A 284 12.69 -6.73 16.62
C LYS A 284 12.77 -7.78 15.53
N MET A 285 13.75 -7.67 14.62
CA MET A 285 13.78 -8.55 13.45
C MET A 285 14.63 -9.81 13.68
N ALA A 286 15.14 -10.00 14.89
CA ALA A 286 15.83 -11.24 15.20
C ALA A 286 14.80 -12.35 15.32
N GLY A 287 15.16 -13.54 14.89
CA GLY A 287 14.21 -14.62 14.94
C GLY A 287 13.27 -14.69 13.77
N THR A 288 13.47 -13.84 12.75
CA THR A 288 12.87 -14.05 11.44
C THR A 288 13.97 -14.09 10.39
N ASP A 289 13.74 -14.90 9.35
CA ASP A 289 14.63 -14.86 8.21
C ASP A 289 14.27 -13.76 7.21
N LEU A 290 13.11 -13.14 7.34
CA LEU A 290 12.74 -12.00 6.50
C LEU A 290 13.81 -10.92 6.60
N ARG A 291 14.23 -10.39 5.45
CA ARG A 291 15.28 -9.38 5.40
C ARG A 291 14.95 -8.34 4.36
N PHE A 292 15.23 -7.07 4.66
CA PHE A 292 15.11 -6.02 3.66
C PHE A 292 16.42 -5.30 3.44
N ARG A 293 16.49 -4.59 2.32
CA ARG A 293 17.66 -3.80 1.95
C ARG A 293 17.36 -2.32 2.12
N THR A 294 18.27 -1.61 2.80
CA THR A 294 18.16 -0.17 2.91
C THR A 294 19.02 0.57 1.88
N GLU A 295 19.89 -0.15 1.18
CA GLU A 295 20.67 0.37 0.07
C GLU A 295 20.61 -0.63 -1.08
P1 A3P B . 8.14 7.88 -1.62
O1P A3P B . 7.20 8.63 -0.70
O2P A3P B . 8.45 8.68 -2.87
O3P A3P B . 9.39 7.42 -0.91
P2 A3P B . 2.07 3.39 -1.74
O4P A3P B . 2.06 2.10 -0.96
O5P A3P B . 1.68 3.22 -3.19
O6P A3P B . 1.27 4.46 -1.07
O5' A3P B . 3.61 3.85 -1.73
C5' A3P B . 3.97 5.18 -2.18
C4' A3P B . 5.45 5.21 -2.39
O4' A3P B . 5.78 4.49 -3.61
C3' A3P B . 6.08 6.59 -2.56
O3' A3P B . 7.42 6.52 -2.09
C2' A3P B . 6.04 6.73 -4.08
O2' A3P B . 6.89 7.72 -4.63
C1' A3P B . 6.50 5.33 -4.47
N9 A3P B . 6.24 4.96 -5.84
C8 A3P B . 5.03 4.98 -6.50
N7 A3P B . 5.13 4.61 -7.75
C5 A3P B . 6.48 4.31 -7.92
C6 A3P B . 7.24 3.85 -9.02
N6 A3P B . 6.71 3.60 -10.22
N1 A3P B . 8.56 3.66 -8.83
C2 A3P B . 9.08 3.92 -7.63
N3 A3P B . 8.48 4.35 -6.53
C4 A3P B . 7.17 4.53 -6.75
C13 2BR C . -2.63 5.05 4.96
C14 2BR C . -2.63 4.78 3.59
C15 2BR C . -3.65 5.27 2.79
C16 2BR C . -4.66 6.03 3.36
C17 2BR C . -4.67 6.30 4.71
C18 2BR C . -3.65 5.81 5.50
O3 2BR C . -5.70 6.51 2.56
BR1 2BR C . -3.65 4.88 0.87
#